data_5VC6
#
_entry.id   5VC6
#
_cell.length_a   50.430
_cell.length_b   44.920
_cell.length_c   64.800
_cell.angle_alpha   90.000
_cell.angle_beta   102.910
_cell.angle_gamma   90.000
#
_symmetry.space_group_name_H-M   'P 1 21 1'
#
loop_
_entity.id
_entity.type
_entity.pdbx_description
1 polymer 'Wee1-like protein kinase'
2 non-polymer N,1,4,4-TETRAMETHYL-8-{[4-(4-METHYLPIPERAZIN-1-YL)PHENYL]AMINO}-4,5-DIHYDRO-1H-PYRAZOLO[4,3-H]QUINAZOLINE-3-CARBOXAMIDE
3 non-polymer 1,2-ETHANEDIOL
4 water water
#
_entity_poly.entity_id   1
_entity_poly.type   'polypeptide(L)'
_entity_poly.pdbx_seq_one_letter_code
;GAGSMKSRYTTEFHELEKIGSGEFGSVFKCVKRLDGCIYAIKRSKKPLAGSVDEQNALREVYAHAVLGQHSHVVRYFSAW
AEDDHMLIQNEYCNGGSLADAISENYRIMSYFKEAELKDLLLQVGRGLRYIHSMSLVHMDIKPSNIFISRTSIPNAASEE
GDEDDWASNKVMFKIGDLGHVTRISSPQVEEGDSRFLANEVLQENYTHLPKADIFALALTVVCAAGAEPLPRNGDQWHEI
RQGRLPRIPQVLSQEFTELLKVMIHPDPERRPSAMALVKHSVLLSASRK
;
_entity_poly.pdbx_strand_id   A
#
# COMPACT_ATOMS: atom_id res chain seq x y z
N SER A 7 -2.41 -21.24 24.40
CA SER A 7 -2.15 -20.44 23.21
C SER A 7 -3.16 -19.31 23.10
N ARG A 8 -2.70 -18.06 23.23
CA ARG A 8 -3.58 -16.91 23.08
C ARG A 8 -4.31 -16.96 21.75
N TYR A 9 -3.57 -17.26 20.68
CA TYR A 9 -4.17 -17.34 19.36
C TYR A 9 -5.32 -18.35 19.34
N THR A 10 -5.05 -19.58 19.79
CA THR A 10 -6.07 -20.63 19.81
C THR A 10 -7.21 -20.27 20.75
N THR A 11 -6.87 -19.60 21.84
CA THR A 11 -7.83 -19.31 22.90
C THR A 11 -8.76 -18.18 22.53
N GLU A 12 -8.20 -17.10 21.96
CA GLU A 12 -8.99 -15.90 21.70
C GLU A 12 -9.65 -15.92 20.32
N PHE A 13 -9.11 -16.71 19.41
CA PHE A 13 -9.57 -16.73 18.02
C PHE A 13 -9.84 -18.15 17.55
N HIS A 14 -10.79 -18.27 16.62
CA HIS A 14 -10.96 -19.49 15.81
C HIS A 14 -10.55 -19.22 14.37
N GLU A 15 -9.57 -19.99 13.89
CA GLU A 15 -9.03 -19.83 12.55
C GLU A 15 -9.97 -20.37 11.47
N LEU A 16 -10.29 -19.54 10.48
CA LEU A 16 -11.29 -19.91 9.47
C LEU A 16 -10.68 -20.31 8.14
N GLU A 17 -9.71 -19.54 7.66
CA GLU A 17 -9.10 -19.78 6.36
C GLU A 17 -7.85 -18.92 6.16
N LYS A 18 -6.87 -19.45 5.43
CA LYS A 18 -5.66 -18.71 5.14
C LYS A 18 -5.89 -17.82 3.94
N ILE A 19 -5.68 -16.52 4.10
CA ILE A 19 -5.98 -15.56 3.05
C ILE A 19 -4.71 -14.94 2.48
N GLY A 20 -3.58 -15.21 3.10
CA GLY A 20 -2.30 -14.70 2.65
C GLY A 20 -1.15 -15.61 3.04
N SER A 21 -0.10 -15.58 2.22
CA SER A 21 1.13 -16.34 2.45
C SER A 21 2.27 -15.78 1.61
N GLY A 22 3.49 -15.94 2.11
CA GLY A 22 4.69 -15.49 1.44
C GLY A 22 5.87 -15.70 2.36
N GLU A 23 7.03 -15.15 2.00
CA GLU A 23 8.19 -15.24 2.88
C GLU A 23 7.93 -14.48 4.18
N PHE A 24 6.90 -13.63 4.17
CA PHE A 24 6.58 -12.83 5.33
C PHE A 24 5.89 -13.65 6.43
N GLY A 25 5.40 -14.84 6.07
CA GLY A 25 4.61 -15.65 6.98
C GLY A 25 3.26 -15.98 6.35
N SER A 26 2.22 -16.04 7.19
CA SER A 26 0.84 -16.27 6.73
C SER A 26 -0.12 -15.25 7.33
N VAL A 27 -1.27 -15.08 6.68
CA VAL A 27 -2.36 -14.29 7.21
C VAL A 27 -3.64 -15.11 7.19
N PHE A 28 -4.32 -15.14 8.33
CA PHE A 28 -5.51 -15.97 8.50
C PHE A 28 -6.75 -15.16 8.77
N LYS A 29 -7.84 -15.52 8.11
CA LYS A 29 -9.17 -15.05 8.48
C LYS A 29 -9.55 -15.77 9.78
N CYS A 30 -9.83 -15.00 10.84
CA CYS A 30 -10.20 -15.57 12.15
C CYS A 30 -11.41 -14.85 12.69
N VAL A 31 -12.20 -15.55 13.50
CA VAL A 31 -13.25 -14.92 14.29
C VAL A 31 -12.78 -14.80 15.74
N LYS A 32 -12.90 -13.60 16.31
CA LYS A 32 -12.56 -13.42 17.71
C LYS A 32 -13.75 -13.92 18.52
N ARG A 33 -13.47 -14.79 19.49
CA ARG A 33 -14.52 -15.46 20.22
C ARG A 33 -15.37 -14.50 21.05
N LEU A 34 -14.72 -13.49 21.63
CA LEU A 34 -15.39 -12.61 22.57
C LEU A 34 -16.44 -11.73 21.89
N ASP A 35 -16.12 -11.22 20.69
CA ASP A 35 -16.99 -10.20 20.08
C ASP A 35 -17.64 -10.68 18.78
N GLY A 36 -17.30 -11.88 18.36
CA GLY A 36 -17.87 -12.48 17.15
C GLY A 36 -17.42 -11.82 15.85
N CYS A 37 -16.42 -10.95 15.92
CA CYS A 37 -16.01 -10.21 14.73
C CYS A 37 -14.88 -10.91 14.01
N ILE A 38 -14.74 -10.61 12.73
CA ILE A 38 -13.75 -11.21 11.87
C ILE A 38 -12.51 -10.30 11.87
N TYR A 39 -11.34 -10.91 12.04
CA TYR A 39 -10.06 -10.20 11.96
C TYR A 39 -9.10 -10.93 11.03
N ALA A 40 -8.09 -10.21 10.54
CA ALA A 40 -7.00 -10.79 9.78
C ALA A 40 -5.77 -10.82 10.67
N ILE A 41 -5.32 -12.05 10.95
CA ILE A 41 -4.22 -12.26 11.88
C ILE A 41 -2.98 -12.63 11.08
N LYS A 42 -1.97 -11.76 11.11
CA LYS A 42 -0.68 -12.03 10.48
C LYS A 42 0.17 -12.83 11.44
N ARG A 43 0.69 -13.98 10.99
CA ARG A 43 1.48 -14.85 11.82
C ARG A 43 2.84 -15.10 11.18
N SER A 44 3.91 -14.77 11.90
CA SER A 44 5.26 -14.77 11.33
C SER A 44 6.28 -15.39 12.28
N LYS A 45 7.23 -16.13 11.74
CA LYS A 45 8.34 -16.63 12.54
C LYS A 45 9.11 -15.43 13.06
N LYS A 46 9.43 -15.44 14.35
CA LYS A 46 10.18 -14.35 14.95
C LYS A 46 11.53 -14.24 14.23
N PRO A 47 11.80 -13.07 13.62
CA PRO A 47 13.03 -12.92 12.85
C PRO A 47 14.31 -13.04 13.67
N LEU A 48 15.41 -13.39 13.00
CA LEU A 48 16.72 -13.39 13.63
C LEU A 48 17.05 -11.98 14.08
N ALA A 49 17.59 -11.83 15.28
CA ALA A 49 17.99 -10.52 15.77
C ALA A 49 19.07 -9.91 14.85
N GLY A 50 18.90 -8.64 14.50
CA GLY A 50 19.86 -7.96 13.65
C GLY A 50 19.70 -8.29 12.18
N SER A 51 18.51 -8.72 11.79
CA SER A 51 18.18 -9.04 10.41
C SER A 51 17.31 -7.97 9.75
N VAL A 52 17.27 -7.99 8.43
CA VAL A 52 16.36 -7.13 7.67
C VAL A 52 14.93 -7.44 8.12
N ASP A 53 14.66 -8.71 8.39
CA ASP A 53 13.33 -9.13 8.79
C ASP A 53 12.95 -8.48 10.12
N GLU A 54 13.88 -8.46 11.07
CA GLU A 54 13.59 -7.82 12.34
C GLU A 54 13.41 -6.32 12.12
N GLN A 55 14.20 -5.76 11.22
CA GLN A 55 14.12 -4.35 10.89
C GLN A 55 12.73 -4.01 10.36
N ASN A 56 12.29 -4.77 9.36
CA ASN A 56 10.92 -4.70 8.84
C ASN A 56 9.88 -4.75 9.95
N ALA A 57 9.94 -5.82 10.73
CA ALA A 57 9.05 -6.05 11.88
C ALA A 57 8.95 -4.85 12.83
N LEU A 58 10.08 -4.25 13.16
CA LEU A 58 10.11 -3.11 14.08
C LEU A 58 9.42 -1.86 13.51
N ARG A 59 9.52 -1.66 12.20
CA ARG A 59 8.90 -0.50 11.58
C ARG A 59 7.38 -0.56 11.74
N GLU A 60 6.84 -1.77 11.69
CA GLU A 60 5.41 -1.97 11.78
C GLU A 60 4.87 -1.72 13.21
N VAL A 61 5.60 -2.21 14.21
CA VAL A 61 5.22 -2.01 15.61
C VAL A 61 5.03 -0.53 15.92
N TYR A 62 6.00 0.27 15.50
CA TYR A 62 6.03 1.63 15.95
C TYR A 62 5.22 2.55 15.02
N ALA A 63 4.98 2.12 13.80
CA ALA A 63 3.95 2.78 12.97
C ALA A 63 2.60 2.71 13.69
N HIS A 64 2.28 1.55 14.25
CA HIS A 64 1.03 1.40 14.96
C HIS A 64 1.01 2.33 16.16
N ALA A 65 2.08 2.29 16.94
CA ALA A 65 2.20 3.13 18.14
C ALA A 65 1.90 4.60 17.85
N VAL A 66 2.22 5.04 16.65
CA VAL A 66 2.04 6.44 16.26
C VAL A 66 0.71 6.67 15.53
N LEU A 67 0.36 5.77 14.63
CA LEU A 67 -0.86 5.95 13.86
C LEU A 67 -2.11 5.65 14.70
N GLY A 68 -3.13 6.49 14.56
CA GLY A 68 -4.42 6.20 15.14
C GLY A 68 -5.26 5.49 14.10
N GLN A 69 -6.55 5.35 14.35
CA GLN A 69 -7.45 4.75 13.38
C GLN A 69 -7.58 5.67 12.19
N HIS A 70 -7.77 5.11 11.00
CA HIS A 70 -8.16 5.91 9.85
C HIS A 70 -8.92 5.08 8.81
N SER A 71 -9.96 5.71 8.28
CA SER A 71 -10.82 5.16 7.23
C SER A 71 -10.12 4.43 6.08
N HIS A 72 -8.93 4.92 5.72
CA HIS A 72 -8.22 4.41 4.57
C HIS A 72 -6.87 3.81 4.95
N VAL A 73 -6.75 3.36 6.20
CA VAL A 73 -5.59 2.57 6.63
C VAL A 73 -6.13 1.33 7.36
N VAL A 74 -5.58 0.18 7.04
CA VAL A 74 -6.02 -1.08 7.65
C VAL A 74 -5.74 -0.96 9.15
N ARG A 75 -6.81 -1.07 9.95
CA ARG A 75 -6.70 -0.91 11.39
C ARG A 75 -5.90 -2.02 12.06
N TYR A 76 -5.06 -1.59 13.00
CA TYR A 76 -4.31 -2.49 13.88
C TYR A 76 -4.98 -2.52 15.25
N PHE A 77 -5.15 -3.73 15.80
CA PHE A 77 -5.83 -3.91 17.08
C PHE A 77 -4.89 -4.37 18.18
N SER A 78 -4.04 -5.36 17.90
CA SER A 78 -3.07 -5.81 18.89
C SER A 78 -1.96 -6.65 18.27
N ALA A 79 -0.89 -6.86 19.04
CA ALA A 79 0.23 -7.67 18.60
C ALA A 79 0.83 -8.40 19.78
N TRP A 80 1.28 -9.63 19.56
CA TRP A 80 1.90 -10.41 20.64
C TRP A 80 2.81 -11.48 20.04
N ALA A 81 3.42 -12.28 20.91
CA ALA A 81 4.38 -13.29 20.47
C ALA A 81 4.24 -14.56 21.29
N GLU A 82 4.43 -15.70 20.64
CA GLU A 82 4.38 -16.99 21.31
C GLU A 82 4.99 -18.06 20.42
N ASP A 83 5.63 -19.05 21.04
CA ASP A 83 6.27 -20.14 20.30
C ASP A 83 7.17 -19.60 19.20
N ASP A 84 7.91 -18.56 19.53
CA ASP A 84 8.86 -17.93 18.62
C ASP A 84 8.19 -17.46 17.32
N HIS A 85 6.91 -17.13 17.40
CA HIS A 85 6.20 -16.48 16.30
C HIS A 85 5.66 -15.12 16.74
N MET A 86 5.58 -14.19 15.79
CA MET A 86 4.97 -12.88 16.02
C MET A 86 3.56 -12.89 15.39
N LEU A 87 2.57 -12.46 16.17
CA LEU A 87 1.18 -12.45 15.73
C LEU A 87 0.58 -11.04 15.84
N ILE A 88 0.04 -10.54 14.73
CA ILE A 88 -0.61 -9.22 14.66
C ILE A 88 -2.08 -9.30 14.22
N GLN A 89 -2.95 -8.70 15.02
CA GLN A 89 -4.41 -8.70 14.79
C GLN A 89 -4.85 -7.45 14.05
N ASN A 90 -5.30 -7.64 12.82
CA ASN A 90 -5.69 -6.54 11.95
C ASN A 90 -7.17 -6.58 11.60
N GLU A 91 -7.68 -5.45 11.14
CA GLU A 91 -8.95 -5.37 10.42
C GLU A 91 -9.00 -6.32 9.21
N TYR A 92 -10.13 -6.98 8.98
CA TYR A 92 -10.34 -7.84 7.81
C TYR A 92 -11.09 -7.08 6.73
N CYS A 93 -10.54 -7.10 5.53
CA CYS A 93 -11.09 -6.42 4.37
C CYS A 93 -11.66 -7.51 3.46
N ASN A 94 -12.99 -7.57 3.36
CA ASN A 94 -13.66 -8.71 2.71
C ASN A 94 -13.54 -8.71 1.20
N GLY A 95 -12.99 -7.63 0.65
CA GLY A 95 -12.81 -7.51 -0.78
C GLY A 95 -11.44 -8.01 -1.23
N GLY A 96 -10.57 -8.34 -0.29
CA GLY A 96 -9.21 -8.73 -0.62
C GLY A 96 -8.38 -7.53 -1.08
N SER A 97 -7.32 -7.78 -1.83
CA SER A 97 -6.41 -6.71 -2.25
C SER A 97 -6.75 -6.18 -3.63
N LEU A 98 -6.26 -4.98 -3.93
CA LEU A 98 -6.44 -4.41 -5.26
C LEU A 98 -5.72 -5.31 -6.29
N ALA A 99 -4.67 -6.00 -5.87
CA ALA A 99 -3.96 -6.90 -6.78
C ALA A 99 -4.88 -8.07 -7.21
N ASP A 100 -5.59 -8.66 -6.24
CA ASP A 100 -6.58 -9.71 -6.53
C ASP A 100 -7.67 -9.21 -7.47
N ALA A 101 -8.16 -8.00 -7.20
CA ALA A 101 -9.21 -7.40 -8.01
C ALA A 101 -8.78 -7.24 -9.47
N ILE A 102 -7.58 -6.72 -9.67
CA ILE A 102 -7.02 -6.54 -11.02
C ILE A 102 -6.83 -7.87 -11.74
N SER A 103 -6.36 -8.88 -11.02
CA SER A 103 -6.23 -10.24 -11.56
C SER A 103 -7.60 -10.77 -12.01
N GLU A 104 -8.62 -10.55 -11.20
CA GLU A 104 -9.97 -10.97 -11.53
C GLU A 104 -10.49 -10.29 -12.79
N ASN A 105 -10.29 -8.98 -12.87
CA ASN A 105 -10.60 -8.19 -14.07
C ASN A 105 -9.90 -8.71 -15.31
N TYR A 106 -8.62 -9.02 -15.17
CA TYR A 106 -7.82 -9.53 -16.25
C TYR A 106 -8.30 -10.91 -16.70
N ARG A 107 -9.11 -11.55 -15.85
CA ARG A 107 -9.64 -12.88 -16.11
C ARG A 107 -11.08 -12.83 -16.62
N ILE A 108 -11.98 -12.32 -15.78
CA ILE A 108 -13.41 -12.20 -16.08
C ILE A 108 -13.66 -11.26 -17.25
N MET A 109 -12.69 -10.39 -17.48
CA MET A 109 -12.79 -9.31 -18.46
C MET A 109 -13.91 -8.32 -18.10
N SER A 110 -13.82 -7.77 -16.89
CA SER A 110 -14.55 -6.54 -16.54
C SER A 110 -13.55 -5.38 -16.63
N TYR A 111 -13.75 -4.33 -15.84
CA TYR A 111 -12.76 -3.27 -15.67
C TYR A 111 -13.18 -2.25 -14.61
N PHE A 112 -12.21 -1.43 -14.19
CA PHE A 112 -12.48 -0.24 -13.41
C PHE A 112 -12.72 0.93 -14.35
N LYS A 113 -13.95 1.43 -14.36
CA LYS A 113 -14.29 2.61 -15.16
C LYS A 113 -13.38 3.77 -14.76
N GLU A 114 -13.25 4.75 -15.65
CA GLU A 114 -12.40 5.91 -15.40
C GLU A 114 -12.76 6.56 -14.07
N ALA A 115 -14.05 6.53 -13.75
CA ALA A 115 -14.54 7.06 -12.49
C ALA A 115 -14.01 6.26 -11.31
N GLU A 116 -14.09 4.94 -11.40
CA GLU A 116 -13.64 4.09 -10.31
C GLU A 116 -12.14 4.30 -10.05
N LEU A 117 -11.40 4.66 -11.09
CA LEU A 117 -9.98 4.97 -10.94
C LEU A 117 -9.77 6.28 -10.19
N LYS A 118 -10.65 7.25 -10.43
CA LYS A 118 -10.61 8.51 -9.68
C LYS A 118 -10.93 8.27 -8.22
N ASP A 119 -11.88 7.39 -7.95
CA ASP A 119 -12.28 7.05 -6.58
C ASP A 119 -11.13 6.40 -5.81
N LEU A 120 -10.43 5.48 -6.47
CA LEU A 120 -9.28 4.79 -5.87
C LEU A 120 -8.15 5.76 -5.55
N LEU A 121 -7.90 6.70 -6.46
CA LEU A 121 -6.80 7.63 -6.26
C LEU A 121 -7.11 8.50 -5.05
N LEU A 122 -8.34 8.99 -5.00
CA LEU A 122 -8.75 9.90 -3.94
C LEU A 122 -8.71 9.20 -2.58
N GLN A 123 -9.23 7.98 -2.53
CA GLN A 123 -9.33 7.28 -1.25
C GLN A 123 -7.94 6.91 -0.71
N VAL A 124 -7.09 6.31 -1.54
CA VAL A 124 -5.72 6.06 -1.11
C VAL A 124 -5.01 7.38 -0.83
N GLY A 125 -5.28 8.40 -1.62
CA GLY A 125 -4.78 9.73 -1.36
C GLY A 125 -5.07 10.24 0.05
N ARG A 126 -6.29 9.99 0.50
CA ARG A 126 -6.69 10.39 1.84
C ARG A 126 -5.88 9.63 2.89
N GLY A 127 -5.61 8.36 2.63
CA GLY A 127 -4.81 7.56 3.54
C GLY A 127 -3.43 8.14 3.70
N LEU A 128 -2.76 8.38 2.57
CA LEU A 128 -1.45 8.98 2.56
C LEU A 128 -1.41 10.35 3.24
N ARG A 129 -2.41 11.19 2.97
CA ARG A 129 -2.47 12.50 3.57
C ARG A 129 -2.35 12.33 5.09
N TYR A 130 -3.07 11.37 5.64
CA TYR A 130 -3.04 11.14 7.08
C TYR A 130 -1.67 10.65 7.56
N ILE A 131 -1.17 9.59 6.94
CA ILE A 131 0.15 9.05 7.30
C ILE A 131 1.21 10.14 7.25
N HIS A 132 1.20 10.92 6.17
CA HIS A 132 2.20 11.96 6.00
C HIS A 132 2.07 13.05 7.06
N SER A 133 0.86 13.22 7.59
CA SER A 133 0.61 14.26 8.58
C SER A 133 1.20 13.87 9.93
N MET A 134 1.41 12.57 10.13
CA MET A 134 2.03 12.07 11.35
C MET A 134 3.54 11.96 11.15
N SER A 135 4.05 12.63 10.12
CA SER A 135 5.47 12.65 9.78
C SER A 135 6.04 11.28 9.44
N LEU A 136 5.20 10.41 8.88
CA LEU A 136 5.63 9.10 8.39
C LEU A 136 5.44 8.98 6.90
N VAL A 137 6.05 7.96 6.32
CA VAL A 137 5.87 7.62 4.91
C VAL A 137 5.64 6.12 4.83
N HIS A 138 4.81 5.67 3.89
CA HIS A 138 4.51 4.25 3.81
C HIS A 138 5.62 3.42 3.13
N MET A 139 6.12 3.93 2.00
CA MET A 139 7.28 3.38 1.27
C MET A 139 7.10 2.03 0.56
N ASP A 140 5.87 1.54 0.43
CA ASP A 140 5.65 0.32 -0.34
C ASP A 140 4.22 0.30 -0.88
N ILE A 141 3.74 1.45 -1.36
CA ILE A 141 2.44 1.50 -1.99
C ILE A 141 2.50 0.71 -3.30
N LYS A 142 1.53 -0.19 -3.46
CA LYS A 142 1.36 -1.00 -4.64
C LYS A 142 0.03 -1.73 -4.51
N PRO A 143 -0.46 -2.32 -5.61
CA PRO A 143 -1.78 -2.96 -5.56
C PRO A 143 -1.94 -4.00 -4.45
N SER A 144 -0.93 -4.84 -4.23
CA SER A 144 -1.06 -5.88 -3.23
C SER A 144 -1.09 -5.35 -1.78
N ASN A 145 -0.89 -4.05 -1.59
CA ASN A 145 -0.86 -3.46 -0.26
C ASN A 145 -2.01 -2.47 -0.07
N ILE A 146 -2.96 -2.54 -1.00
CA ILE A 146 -4.20 -1.79 -0.95
C ILE A 146 -5.32 -2.82 -0.87
N PHE A 147 -6.17 -2.70 0.14
CA PHE A 147 -7.20 -3.70 0.41
C PHE A 147 -8.57 -3.08 0.28
N ILE A 148 -9.59 -3.92 0.18
CA ILE A 148 -10.92 -3.50 -0.19
C ILE A 148 -11.96 -4.06 0.79
N SER A 149 -12.81 -3.17 1.29
CA SER A 149 -13.91 -3.53 2.16
C SER A 149 -15.20 -3.12 1.47
N ARG A 150 -16.16 -4.03 1.38
CA ARG A 150 -17.39 -3.80 0.63
C ARG A 150 -18.61 -3.77 1.53
N VAL A 171 -17.76 1.06 -1.62
CA VAL A 171 -16.53 0.32 -1.36
C VAL A 171 -15.44 1.24 -0.81
N MET A 172 -14.67 0.72 0.15
CA MET A 172 -13.59 1.47 0.80
C MET A 172 -12.21 0.89 0.50
N PHE A 173 -11.25 1.74 0.15
CA PHE A 173 -9.87 1.34 -0.10
C PHE A 173 -9.01 1.74 1.09
N LYS A 174 -8.13 0.83 1.50
CA LYS A 174 -7.36 0.99 2.72
C LYS A 174 -5.92 0.52 2.50
N ILE A 175 -4.99 1.35 2.94
CA ILE A 175 -3.57 1.01 2.93
C ILE A 175 -3.23 -0.01 4.01
N GLY A 176 -2.57 -1.09 3.61
CA GLY A 176 -2.07 -2.07 4.55
C GLY A 176 -0.57 -2.32 4.38
N ASP A 177 -0.07 -3.25 5.19
CA ASP A 177 1.34 -3.65 5.24
C ASP A 177 2.34 -2.52 5.51
N LEU A 178 2.49 -2.19 6.80
CA LEU A 178 3.30 -1.06 7.23
C LEU A 178 4.76 -1.38 7.57
N GLY A 179 5.25 -2.50 7.04
CA GLY A 179 6.61 -2.95 7.33
C GLY A 179 7.72 -2.09 6.76
N HIS A 180 7.39 -1.22 5.81
CA HIS A 180 8.37 -0.30 5.20
C HIS A 180 8.21 1.13 5.70
N VAL A 181 7.23 1.36 6.57
CA VAL A 181 6.97 2.69 7.12
C VAL A 181 8.22 3.22 7.82
N THR A 182 8.54 4.49 7.57
CA THR A 182 9.64 5.14 8.26
C THR A 182 9.34 6.62 8.48
N ARG A 183 10.16 7.29 9.28
CA ARG A 183 9.98 8.70 9.57
C ARG A 183 10.34 9.55 8.35
N ILE A 184 9.67 10.70 8.20
CA ILE A 184 10.06 11.65 7.16
C ILE A 184 11.40 12.28 7.53
N SER A 185 11.57 12.57 8.81
CA SER A 185 12.75 13.29 9.29
C SER A 185 14.01 12.45 9.29
N SER A 186 14.01 11.37 10.07
CA SER A 186 15.15 10.46 10.19
C SER A 186 14.84 9.10 9.58
N PRO A 187 14.70 9.05 8.24
CA PRO A 187 14.23 7.85 7.55
C PRO A 187 15.17 6.67 7.61
N GLN A 188 14.63 5.51 8.00
CA GLN A 188 15.33 4.24 7.84
C GLN A 188 14.69 3.54 6.65
N VAL A 189 15.39 3.56 5.52
CA VAL A 189 14.76 3.24 4.24
C VAL A 189 15.13 1.86 3.72
N GLU A 190 14.15 0.97 3.77
CA GLU A 190 14.21 -0.26 3.02
C GLU A 190 13.31 -0.08 1.81
N GLU A 191 13.89 -0.12 0.62
CA GLU A 191 13.11 0.16 -0.58
C GLU A 191 11.97 -0.82 -0.75
N GLY A 192 10.90 -0.31 -1.31
CA GLY A 192 9.78 -1.15 -1.68
C GLY A 192 10.06 -1.79 -3.02
N ASP A 193 9.01 -2.41 -3.54
CA ASP A 193 9.01 -3.07 -4.83
C ASP A 193 9.59 -2.18 -5.93
N SER A 194 10.62 -2.68 -6.61
CA SER A 194 11.32 -1.91 -7.64
C SER A 194 10.39 -1.39 -8.73
N ARG A 195 9.27 -2.07 -8.92
CA ARG A 195 8.34 -1.68 -9.96
C ARG A 195 7.71 -0.33 -9.69
N PHE A 196 7.58 0.04 -8.42
CA PHE A 196 6.82 1.23 -8.05
C PHE A 196 7.71 2.31 -7.46
N LEU A 197 9.01 2.05 -7.48
CA LEU A 197 10.02 2.85 -6.81
C LEU A 197 10.46 4.09 -7.59
N ALA A 198 10.38 5.25 -6.94
CA ALA A 198 10.91 6.51 -7.49
C ALA A 198 12.43 6.49 -7.62
N ASN A 199 12.95 7.05 -8.72
CA ASN A 199 14.39 7.02 -8.98
C ASN A 199 15.19 7.73 -7.90
N GLU A 200 14.63 8.79 -7.34
CA GLU A 200 15.37 9.58 -6.35
C GLU A 200 15.62 8.71 -5.12
N VAL A 201 14.66 7.85 -4.76
CA VAL A 201 14.87 6.93 -3.65
C VAL A 201 16.00 5.95 -3.97
N LEU A 202 16.09 5.48 -5.22
CA LEU A 202 17.20 4.60 -5.61
C LEU A 202 18.53 5.37 -5.61
N GLN A 203 18.44 6.69 -5.76
CA GLN A 203 19.62 7.53 -5.75
C GLN A 203 20.02 7.96 -4.33
N GLU A 204 19.41 7.33 -3.33
CA GLU A 204 19.71 7.61 -1.93
C GLU A 204 19.42 9.06 -1.57
N ASN A 205 18.40 9.61 -2.22
CA ASN A 205 17.86 10.92 -1.90
C ASN A 205 16.58 10.78 -1.11
N TYR A 206 16.65 11.03 0.19
CA TYR A 206 15.51 10.81 1.07
C TYR A 206 14.95 12.14 1.62
N THR A 207 15.16 13.23 0.88
CA THR A 207 14.75 14.55 1.35
C THR A 207 13.25 14.83 1.16
N HIS A 208 12.60 14.07 0.28
CA HIS A 208 11.17 14.23 0.00
C HIS A 208 10.45 12.89 -0.13
N LEU A 209 10.58 12.04 0.88
CA LEU A 209 10.02 10.70 0.81
C LEU A 209 8.51 10.65 0.54
N PRO A 210 7.71 11.54 1.17
CA PRO A 210 6.26 11.54 0.85
C PRO A 210 5.95 11.47 -0.64
N LYS A 211 6.77 12.12 -1.45
CA LYS A 211 6.52 12.17 -2.88
C LYS A 211 6.84 10.83 -3.55
N ALA A 212 7.62 9.97 -2.89
CA ALA A 212 7.81 8.62 -3.39
C ALA A 212 6.52 7.82 -3.28
N ASP A 213 5.75 8.07 -2.22
CA ASP A 213 4.44 7.43 -2.01
C ASP A 213 3.48 7.89 -3.13
N ILE A 214 3.55 9.16 -3.50
CA ILE A 214 2.73 9.71 -4.60
C ILE A 214 3.10 9.06 -5.95
N PHE A 215 4.38 9.03 -6.26
CA PHE A 215 4.88 8.32 -7.43
C PHE A 215 4.29 6.91 -7.48
N ALA A 216 4.34 6.23 -6.33
CA ALA A 216 4.00 4.82 -6.27
C ALA A 216 2.48 4.62 -6.41
N LEU A 217 1.72 5.58 -5.90
CA LEU A 217 0.27 5.54 -6.03
C LEU A 217 -0.15 5.69 -7.47
N ALA A 218 0.53 6.56 -8.20
CA ALA A 218 0.18 6.80 -9.59
C ALA A 218 0.30 5.51 -10.40
N LEU A 219 1.41 4.80 -10.25
CA LEU A 219 1.60 3.56 -10.99
C LEU A 219 0.61 2.47 -10.54
N THR A 220 0.15 2.56 -9.30
CA THR A 220 -0.84 1.62 -8.76
C THR A 220 -2.15 1.82 -9.50
N VAL A 221 -2.50 3.08 -9.70
CA VAL A 221 -3.69 3.43 -10.45
C VAL A 221 -3.56 2.96 -11.89
N VAL A 222 -2.39 3.18 -12.49
CA VAL A 222 -2.16 2.75 -13.87
C VAL A 222 -2.30 1.22 -13.97
N CYS A 223 -1.91 0.50 -12.91
CA CYS A 223 -2.10 -0.95 -12.88
C CYS A 223 -3.59 -1.26 -12.90
N ALA A 224 -4.34 -0.53 -12.07
CA ALA A 224 -5.78 -0.74 -11.97
C ALA A 224 -6.47 -0.47 -13.30
N ALA A 225 -5.91 0.46 -14.08
CA ALA A 225 -6.49 0.87 -15.35
C ALA A 225 -6.15 -0.10 -16.47
N GLY A 226 -5.44 -1.19 -16.14
CA GLY A 226 -5.27 -2.28 -17.08
C GLY A 226 -3.95 -2.30 -17.82
N ALA A 227 -2.95 -1.62 -17.27
CA ALA A 227 -1.64 -1.60 -17.89
C ALA A 227 -0.99 -2.98 -17.86
N GLU A 228 -0.21 -3.26 -18.91
CA GLU A 228 0.63 -4.45 -18.93
C GLU A 228 1.55 -4.42 -17.72
N PRO A 229 2.05 -5.59 -17.29
CA PRO A 229 2.88 -5.63 -16.09
C PRO A 229 4.02 -4.62 -16.12
N LEU A 230 4.26 -3.97 -14.98
CA LEU A 230 5.26 -2.93 -14.85
C LEU A 230 6.69 -3.50 -14.83
N PRO A 231 7.60 -2.86 -15.58
CA PRO A 231 8.98 -3.37 -15.63
C PRO A 231 9.69 -3.29 -14.28
N ARG A 232 10.55 -4.26 -14.02
CA ARG A 232 11.31 -4.32 -12.78
C ARG A 232 12.66 -3.62 -12.92
N ASN A 233 13.09 -3.43 -14.16
CA ASN A 233 14.33 -2.70 -14.49
C ASN A 233 14.51 -2.69 -16.00
N GLY A 234 15.69 -2.27 -16.46
CA GLY A 234 15.93 -2.19 -17.89
C GLY A 234 15.41 -0.88 -18.47
N ASP A 235 15.20 -0.87 -19.79
CA ASP A 235 14.91 0.37 -20.53
C ASP A 235 13.59 1.01 -20.11
N GLN A 236 12.55 0.20 -20.08
CA GLN A 236 11.21 0.71 -19.86
C GLN A 236 11.06 1.23 -18.42
N TRP A 237 11.82 0.65 -17.51
CA TRP A 237 11.86 1.12 -16.12
C TRP A 237 12.32 2.57 -16.10
N HIS A 238 13.48 2.82 -16.71
CA HIS A 238 14.06 4.15 -16.79
C HIS A 238 13.13 5.13 -17.51
N GLU A 239 12.48 4.66 -18.57
CA GLU A 239 11.59 5.50 -19.36
C GLU A 239 10.47 6.06 -18.50
N ILE A 240 9.96 5.23 -17.60
CA ILE A 240 8.86 5.62 -16.74
C ILE A 240 9.29 6.76 -15.81
N ARG A 241 10.49 6.64 -15.23
CA ARG A 241 10.98 7.64 -14.30
C ARG A 241 11.38 8.96 -15.00
N GLN A 242 11.28 8.99 -16.32
CA GLN A 242 11.42 10.25 -17.06
C GLN A 242 10.10 10.99 -17.12
N GLY A 243 9.07 10.41 -16.50
CA GLY A 243 7.73 10.98 -16.49
C GLY A 243 6.82 10.37 -17.55
N ARG A 244 7.21 9.22 -18.11
CA ARG A 244 6.47 8.58 -19.20
C ARG A 244 5.52 7.48 -18.69
N LEU A 245 4.23 7.68 -18.87
CA LEU A 245 3.22 6.74 -18.37
C LEU A 245 3.24 5.42 -19.14
N PRO A 246 3.07 4.31 -18.43
CA PRO A 246 2.90 3.05 -19.17
C PRO A 246 1.70 3.11 -20.10
N ARG A 247 1.70 2.29 -21.14
CA ARG A 247 0.56 2.15 -22.05
C ARG A 247 -0.70 1.73 -21.29
N ILE A 248 -1.78 2.48 -21.49
CA ILE A 248 -3.10 2.14 -20.97
C ILE A 248 -3.91 1.52 -22.11
N PRO A 249 -4.81 0.55 -21.80
CA PRO A 249 -5.62 -0.02 -22.87
C PRO A 249 -6.97 0.69 -23.08
N GLN A 250 -7.23 1.75 -22.32
CA GLN A 250 -8.56 2.35 -22.32
C GLN A 250 -8.60 3.85 -22.57
N VAL A 251 -9.83 4.36 -22.67
CA VAL A 251 -10.09 5.77 -22.95
C VAL A 251 -10.13 6.58 -21.66
N LEU A 252 -9.03 7.25 -21.36
CA LEU A 252 -8.93 8.18 -20.24
C LEU A 252 -8.81 9.60 -20.77
N SER A 253 -9.45 10.55 -20.11
CA SER A 253 -9.35 11.95 -20.50
C SER A 253 -7.91 12.43 -20.41
N GLN A 254 -7.56 13.41 -21.23
CA GLN A 254 -6.23 13.99 -21.20
C GLN A 254 -6.00 14.64 -19.84
N GLU A 255 -7.10 15.06 -19.22
CA GLU A 255 -7.06 15.78 -17.95
C GLU A 255 -6.62 14.87 -16.79
N PHE A 256 -7.21 13.69 -16.70
CA PHE A 256 -6.83 12.73 -15.66
C PHE A 256 -5.42 12.22 -15.98
N THR A 257 -5.12 12.07 -17.27
CA THR A 257 -3.80 11.65 -17.73
C THR A 257 -2.68 12.54 -17.20
N GLU A 258 -2.87 13.85 -17.30
CA GLU A 258 -1.86 14.79 -16.87
C GLU A 258 -1.67 14.76 -15.36
N LEU A 259 -2.75 14.53 -14.62
CA LEU A 259 -2.62 14.38 -13.18
C LEU A 259 -1.70 13.18 -12.89
N LEU A 260 -2.00 12.04 -13.52
CA LEU A 260 -1.20 10.85 -13.29
C LEU A 260 0.23 11.07 -13.75
N LYS A 261 0.37 11.86 -14.81
CA LYS A 261 1.68 12.15 -15.39
C LYS A 261 2.53 12.96 -14.42
N VAL A 262 1.98 14.04 -13.87
CA VAL A 262 2.76 14.90 -12.99
C VAL A 262 3.09 14.20 -11.68
N MET A 263 2.32 13.16 -11.34
CA MET A 263 2.58 12.38 -10.15
C MET A 263 3.85 11.53 -10.30
N ILE A 264 4.28 11.27 -11.54
CA ILE A 264 5.56 10.58 -11.75
C ILE A 264 6.61 11.51 -12.41
N HIS A 265 6.47 12.80 -12.18
CA HIS A 265 7.47 13.78 -12.66
C HIS A 265 8.84 13.44 -12.05
N PRO A 266 9.91 13.45 -12.85
CA PRO A 266 11.24 13.12 -12.31
C PRO A 266 11.67 14.00 -11.14
N ASP A 267 11.14 15.21 -11.06
CA ASP A 267 11.42 16.11 -9.95
C ASP A 267 10.37 15.91 -8.87
N PRO A 268 10.74 15.34 -7.72
CA PRO A 268 9.71 15.02 -6.72
C PRO A 268 8.98 16.27 -6.21
N GLU A 269 9.63 17.43 -6.24
CA GLU A 269 9.01 18.66 -5.76
C GLU A 269 7.87 19.13 -6.68
N ARG A 270 7.83 18.63 -7.90
CA ARG A 270 6.76 18.99 -8.82
C ARG A 270 5.55 18.07 -8.68
N ARG A 271 5.72 16.94 -8.01
CA ARG A 271 4.61 16.03 -7.74
C ARG A 271 3.68 16.63 -6.69
N PRO A 272 2.37 16.40 -6.82
CA PRO A 272 1.44 16.83 -5.75
C PRO A 272 1.79 16.21 -4.41
N SER A 273 1.59 16.96 -3.33
CA SER A 273 1.53 16.35 -2.00
C SER A 273 0.22 15.58 -1.90
N ALA A 274 0.08 14.71 -0.90
CA ALA A 274 -1.20 14.06 -0.68
C ALA A 274 -2.27 15.13 -0.45
N MET A 275 -1.89 16.20 0.23
CA MET A 275 -2.79 17.34 0.45
C MET A 275 -3.35 17.87 -0.87
N ALA A 276 -2.44 18.31 -1.74
CA ALA A 276 -2.86 18.86 -3.03
C ALA A 276 -3.63 17.81 -3.82
N LEU A 277 -3.32 16.54 -3.59
CA LEU A 277 -4.02 15.48 -4.31
C LEU A 277 -5.49 15.41 -3.91
N VAL A 278 -5.76 15.23 -2.63
CA VAL A 278 -7.13 14.98 -2.18
C VAL A 278 -8.04 16.17 -2.53
N LYS A 279 -7.43 17.33 -2.76
CA LYS A 279 -8.16 18.57 -3.06
C LYS A 279 -8.12 18.93 -4.54
N HIS A 280 -7.62 18.04 -5.38
CA HIS A 280 -7.48 18.33 -6.80
C HIS A 280 -8.85 18.29 -7.51
N SER A 281 -9.06 19.26 -8.40
CA SER A 281 -10.34 19.45 -9.10
C SER A 281 -10.81 18.23 -9.89
N VAL A 282 -9.87 17.50 -10.48
CA VAL A 282 -10.18 16.33 -11.30
C VAL A 282 -10.81 15.21 -10.46
N LEU A 283 -10.35 15.05 -9.22
CA LEU A 283 -10.83 13.93 -8.41
C LEU A 283 -12.21 14.19 -7.84
N LEU A 284 -12.34 15.28 -7.10
CA LEU A 284 -13.60 15.62 -6.45
C LEU A 284 -14.76 15.70 -7.46
N SER A 285 -15.76 14.82 -7.37
CA SER A 285 -15.77 13.62 -6.52
C SER A 285 -16.77 12.62 -7.04
#